data_6BY3
#
_entry.id   6BY3
#
_cell.length_a   156.126
_cell.length_b   156.126
_cell.length_c   74.479
_cell.angle_alpha   90.000
_cell.angle_beta   90.000
_cell.angle_gamma   90.000
#
_symmetry.space_group_name_H-M   'I 4'
#
loop_
_entity.id
_entity.type
_entity.pdbx_description
1 polymer 'Antibody Heavy Chain'
2 polymer 'Antibody Light Chain'
3 polymer 'pH-gated potassium channel KcsA'
4 non-polymer NONAN-1-OL
5 non-polymer 'DIACYL GLYCEROL'
6 non-polymer 'POTASSIUM ION'
7 water water
#
loop_
_entity_poly.entity_id
_entity_poly.type
_entity_poly.pdbx_seq_one_letter_code
_entity_poly.pdbx_strand_id
1 'polypeptide(L)'
;QVQLQQPGAELVKPGASVKLSCKASGYTFTSDWIHWVKQRPGHGLEWIGEIIPSYGRANYNEKIQKKATLTADKSSSTAF
MQLSSLTSEDSAVYYCARERGDGYFAVWGAGTTVTVSSAKTTPPSVYPLAPGSAAQTNSMVTLGCLVKGYFPEPVTVTWN
SGSLSSGVHTFPAVLQSDLYTLSSSVTVPSSSWPSETVTCNVAHPASSTKVDKKIVPRD
;
A
2 'polypeptide(L)'
;DILLTQSPAILSVSPGERVSFSCRASQSIGTDIHWYQQRTNGSPRLLIKYASESISGIPSRFSGSGSGTDFTLSINSVES
EDIANYYCQQSNRWPFTFGSGTKLEIKRADAAPTVSIFPPSSEQLTSGGASVVCFLNNFYPKDINVKWKIDGSERQNGVL
NSWTDQDSKDSTYSMSSTLTLTKDEYERHNSYTCEATHKTSTSPIVKSFNRN
;
B
3 'polypeptide(L)'
;WRCAGAATVLLVIVLLAGSYLAVLAERGAPGAQLITYPRALWWSVETATAVGYGDLYPVTLWGRCVAVVVMVAGITSFGL
VTAALATWFVGQCQQQ
;
C
#
# COMPACT_ATOMS: atom_id res chain seq x y z
N GLN A 1 -6.64 -16.61 -0.96
CA GLN A 1 -7.54 -15.76 -1.74
C GLN A 1 -7.34 -14.30 -1.39
N VAL A 2 -7.47 -13.43 -2.38
CA VAL A 2 -7.44 -11.99 -2.16
C VAL A 2 -8.78 -11.58 -1.55
N GLN A 3 -8.72 -10.93 -0.38
CA GLN A 3 -9.94 -10.68 0.38
C GLN A 3 -10.66 -9.42 -0.08
N LEU A 4 -9.94 -8.43 -0.61
CA LEU A 4 -10.56 -7.21 -1.12
C LEU A 4 -10.01 -6.94 -2.51
N GLN A 5 -10.89 -6.96 -3.52
CA GLN A 5 -10.51 -6.80 -4.92
C GLN A 5 -10.95 -5.43 -5.41
N GLN A 6 -10.00 -4.66 -5.94
CA GLN A 6 -10.26 -3.35 -6.50
C GLN A 6 -9.82 -3.29 -7.95
N PRO A 7 -10.52 -2.54 -8.79
CA PRO A 7 -10.04 -2.28 -10.15
C PRO A 7 -8.69 -1.56 -10.12
N GLY A 8 -7.90 -1.78 -11.17
CA GLY A 8 -6.55 -1.25 -11.19
C GLY A 8 -6.45 0.24 -11.45
N ALA A 9 -7.36 0.78 -12.27
CA ALA A 9 -7.23 2.17 -12.65
C ALA A 9 -8.59 2.73 -13.10
N GLU A 10 -8.73 4.05 -12.98
CA GLU A 10 -9.87 4.79 -13.50
C GLU A 10 -9.38 6.13 -14.01
N LEU A 11 -9.75 6.47 -15.24
CA LEU A 11 -9.47 7.78 -15.80
C LEU A 11 -10.73 8.62 -15.75
N VAL A 12 -10.65 9.79 -15.14
CA VAL A 12 -11.79 10.68 -14.98
C VAL A 12 -11.45 12.04 -15.58
N LYS A 13 -12.38 12.61 -16.31
CA LYS A 13 -12.19 13.95 -16.83
C LYS A 13 -12.34 14.97 -15.71
N PRO A 14 -11.62 16.08 -15.78
CA PRO A 14 -11.81 17.15 -14.79
C PRO A 14 -13.26 17.59 -14.73
N GLY A 15 -13.82 17.56 -13.53
CA GLY A 15 -15.22 17.86 -13.30
C GLY A 15 -16.14 16.67 -13.34
N ALA A 16 -15.69 15.54 -13.88
CA ALA A 16 -16.52 14.35 -13.95
C ALA A 16 -16.46 13.57 -12.63
N SER A 17 -17.14 12.43 -12.60
CA SER A 17 -17.24 11.61 -11.40
C SER A 17 -16.89 10.16 -11.72
N VAL A 18 -16.67 9.39 -10.67
CA VAL A 18 -16.32 7.97 -10.79
C VAL A 18 -16.79 7.25 -9.55
N LYS A 19 -17.21 6.00 -9.72
CA LYS A 19 -17.60 5.13 -8.62
C LYS A 19 -16.60 4.00 -8.52
N LEU A 20 -15.80 4.01 -7.46
CA LEU A 20 -14.85 2.93 -7.20
C LEU A 20 -15.53 1.81 -6.44
N SER A 21 -15.06 0.59 -6.66
CA SER A 21 -15.66 -0.58 -6.06
C SER A 21 -14.61 -1.39 -5.31
N CYS A 22 -15.09 -2.15 -4.32
CA CYS A 22 -14.22 -2.98 -3.48
C CYS A 22 -14.99 -4.24 -3.14
N LYS A 23 -14.62 -5.36 -3.75
CA LYS A 23 -15.33 -6.62 -3.62
C LYS A 23 -14.67 -7.46 -2.53
N ALA A 24 -15.42 -7.79 -1.50
CA ALA A 24 -14.90 -8.51 -0.34
C ALA A 24 -15.13 -10.00 -0.46
N SER A 25 -14.16 -10.76 0.07
CA SER A 25 -14.26 -12.22 0.17
C SER A 25 -13.84 -12.62 1.57
N GLY A 26 -13.80 -13.93 1.81
CA GLY A 26 -13.46 -14.42 3.14
C GLY A 26 -14.59 -14.21 4.12
N TYR A 27 -14.23 -14.28 5.41
CA TYR A 27 -15.20 -14.14 6.48
C TYR A 27 -15.76 -12.72 6.53
N THR A 28 -17.08 -12.61 6.53
CA THR A 28 -17.77 -11.34 6.71
C THR A 28 -18.61 -11.42 7.98
N PHE A 29 -18.54 -10.38 8.80
CA PHE A 29 -19.28 -10.32 10.06
C PHE A 29 -20.08 -9.03 10.12
N THR A 30 -21.08 -9.03 11.00
CA THR A 30 -21.89 -7.84 11.19
C THR A 30 -21.08 -6.68 11.77
N SER A 31 -19.94 -6.98 12.40
CA SER A 31 -19.06 -5.97 12.97
C SER A 31 -18.05 -5.42 11.96
N ASP A 32 -18.18 -5.77 10.69
CA ASP A 32 -17.22 -5.37 9.67
C ASP A 32 -17.44 -3.90 9.29
N TRP A 33 -16.34 -3.14 9.28
CA TRP A 33 -16.33 -1.80 8.71
C TRP A 33 -15.36 -1.77 7.54
N ILE A 34 -15.78 -1.15 6.44
CA ILE A 34 -14.95 -0.97 5.26
C ILE A 34 -14.45 0.46 5.24
N HIS A 35 -13.13 0.64 5.17
CA HIS A 35 -12.51 1.95 5.17
C HIS A 35 -11.93 2.26 3.80
N TRP A 36 -11.77 3.55 3.53
CA TRP A 36 -11.18 4.02 2.29
C TRP A 36 -10.04 4.98 2.62
N VAL A 37 -8.88 4.77 2.00
CA VAL A 37 -7.66 5.51 2.29
C VAL A 37 -7.09 6.04 0.98
N LYS A 38 -6.71 7.32 0.98
CA LYS A 38 -6.18 7.99 -0.20
C LYS A 38 -4.69 8.22 -0.03
N GLN A 39 -3.91 7.89 -1.06
CA GLN A 39 -2.46 8.09 -1.06
C GLN A 39 -2.06 8.76 -2.37
N ARG A 40 -1.70 10.03 -2.30
CA ARG A 40 -1.15 10.71 -3.45
C ARG A 40 0.31 10.30 -3.65
N PRO A 41 0.80 10.30 -4.90
CA PRO A 41 2.15 9.78 -5.16
C PRO A 41 3.21 10.51 -4.35
N GLY A 42 4.06 9.74 -3.67
CA GLY A 42 5.09 10.31 -2.83
C GLY A 42 4.60 10.84 -1.49
N HIS A 43 3.34 10.62 -1.16
CA HIS A 43 2.75 11.12 0.08
C HIS A 43 2.37 9.95 0.98
N GLY A 44 1.78 10.29 2.13
CA GLY A 44 1.38 9.31 3.11
C GLY A 44 -0.08 8.90 2.98
N LEU A 45 -0.55 8.17 3.97
CA LEU A 45 -1.92 7.66 4.00
C LEU A 45 -2.85 8.70 4.63
N GLU A 46 -4.02 8.86 4.03
CA GLU A 46 -5.00 9.86 4.45
C GLU A 46 -6.37 9.19 4.52
N TRP A 47 -6.92 9.11 5.73
CA TRP A 47 -8.20 8.44 5.94
C TRP A 47 -9.33 9.25 5.31
N ILE A 48 -10.10 8.61 4.45
CA ILE A 48 -11.24 9.27 3.79
C ILE A 48 -12.52 9.07 4.57
N GLY A 49 -12.88 7.83 4.83
CA GLY A 49 -14.15 7.55 5.49
C GLY A 49 -14.32 6.07 5.73
N GLU A 50 -15.48 5.74 6.28
CA GLU A 50 -15.79 4.37 6.69
C GLU A 50 -17.26 4.11 6.44
N ILE A 51 -17.60 2.83 6.33
CA ILE A 51 -19.00 2.41 6.24
C ILE A 51 -19.12 1.05 6.89
N ILE A 52 -20.25 0.83 7.58
CA ILE A 52 -20.58 -0.48 8.15
C ILE A 52 -21.63 -1.12 7.24
N PRO A 53 -21.25 -2.13 6.44
CA PRO A 53 -22.23 -2.68 5.47
C PRO A 53 -23.47 -3.27 6.11
N SER A 54 -23.33 -3.90 7.28
CA SER A 54 -24.47 -4.53 7.93
C SER A 54 -25.56 -3.55 8.34
N TYR A 55 -25.27 -2.26 8.34
CA TYR A 55 -26.25 -1.23 8.68
C TYR A 55 -26.35 -0.14 7.62
N GLY A 56 -25.25 0.23 6.98
CA GLY A 56 -25.27 1.17 5.88
C GLY A 56 -24.90 2.61 6.23
N ARG A 57 -24.44 2.87 7.46
CA ARG A 57 -24.07 4.21 7.86
C ARG A 57 -22.60 4.49 7.53
N ALA A 58 -22.32 5.72 7.12
CA ALA A 58 -20.98 6.12 6.72
C ALA A 58 -20.57 7.38 7.47
N ASN A 59 -19.27 7.46 7.77
CA ASN A 59 -18.68 8.64 8.39
C ASN A 59 -17.49 9.09 7.55
N TYR A 60 -17.16 10.37 7.62
CA TYR A 60 -16.18 10.95 6.72
C TYR A 60 -15.19 11.82 7.49
N ASN A 61 -13.96 11.85 7.00
CA ASN A 61 -12.93 12.72 7.56
C ASN A 61 -13.40 14.17 7.49
N GLU A 62 -13.57 14.78 8.66
CA GLU A 62 -14.08 16.13 8.73
C GLU A 62 -13.01 17.18 8.47
N LYS A 63 -11.74 16.79 8.40
CA LYS A 63 -10.62 17.72 8.19
C LYS A 63 -10.36 18.04 6.73
N ILE A 64 -10.92 17.26 5.79
CA ILE A 64 -10.71 17.49 4.37
C ILE A 64 -12.06 17.74 3.69
N GLN A 65 -11.99 18.34 2.50
CA GLN A 65 -13.19 18.68 1.76
C GLN A 65 -13.96 17.42 1.40
N LYS A 66 -15.26 17.41 1.70
CA LYS A 66 -16.11 16.24 1.51
C LYS A 66 -16.29 16.00 0.02
N LYS A 67 -15.58 15.00 -0.52
CA LYS A 67 -15.62 14.69 -1.93
C LYS A 67 -16.13 13.28 -2.23
N ALA A 68 -16.39 12.47 -1.20
CA ALA A 68 -16.73 11.07 -1.39
C ALA A 68 -18.09 10.75 -0.77
N THR A 69 -18.74 9.73 -1.32
CA THR A 69 -19.99 9.20 -0.79
C THR A 69 -19.89 7.68 -0.79
N LEU A 70 -20.07 7.07 0.37
CA LEU A 70 -19.89 5.64 0.54
C LEU A 70 -21.23 4.92 0.55
N THR A 71 -21.30 3.81 -0.18
CA THR A 71 -22.44 2.90 -0.15
C THR A 71 -21.92 1.47 -0.09
N ALA A 72 -22.85 0.55 0.16
CA ALA A 72 -22.52 -0.87 0.18
C ALA A 72 -23.71 -1.66 -0.33
N ASP A 73 -23.42 -2.87 -0.80
CA ASP A 73 -24.45 -3.80 -1.25
C ASP A 73 -24.14 -5.16 -0.66
N LYS A 74 -24.99 -5.64 0.25
CA LYS A 74 -24.71 -6.88 0.95
C LYS A 74 -24.81 -8.10 0.03
N SER A 75 -25.59 -7.99 -1.04
CA SER A 75 -25.75 -9.12 -1.95
C SER A 75 -24.43 -9.48 -2.62
N SER A 76 -23.82 -8.52 -3.30
CA SER A 76 -22.54 -8.74 -3.97
C SER A 76 -21.34 -8.58 -3.04
N SER A 77 -21.56 -8.23 -1.78
CA SER A 77 -20.48 -8.00 -0.81
C SER A 77 -19.49 -6.96 -1.34
N THR A 78 -20.03 -5.89 -1.93
CA THR A 78 -19.22 -4.89 -2.60
C THR A 78 -19.51 -3.52 -2.00
N ALA A 79 -18.44 -2.81 -1.61
CA ALA A 79 -18.53 -1.44 -1.15
C ALA A 79 -18.14 -0.48 -2.25
N PHE A 80 -18.79 0.68 -2.28
CA PHE A 80 -18.59 1.66 -3.34
C PHE A 80 -18.24 3.02 -2.74
N MET A 81 -17.38 3.76 -3.43
CA MET A 81 -17.06 5.13 -3.08
C MET A 81 -17.26 6.01 -4.32
N GLN A 82 -18.22 6.93 -4.23
CA GLN A 82 -18.52 7.84 -5.33
C GLN A 82 -17.68 9.10 -5.17
N LEU A 83 -16.69 9.27 -6.04
CA LEU A 83 -15.88 10.48 -6.10
C LEU A 83 -16.45 11.39 -7.18
N SER A 84 -16.89 12.58 -6.78
CA SER A 84 -17.64 13.47 -7.66
C SER A 84 -16.91 14.80 -7.84
N SER A 85 -17.01 15.35 -9.05
CA SER A 85 -16.45 16.66 -9.41
C SER A 85 -14.96 16.72 -9.11
N LEU A 86 -14.22 15.80 -9.73
CA LEU A 86 -12.81 15.64 -9.42
C LEU A 86 -11.95 16.68 -10.13
N THR A 87 -10.87 17.06 -9.47
CA THR A 87 -9.85 17.95 -10.02
C THR A 87 -8.50 17.23 -9.98
N SER A 88 -7.44 17.96 -10.34
CA SER A 88 -6.11 17.36 -10.35
C SER A 88 -5.67 16.94 -8.96
N GLU A 89 -6.16 17.63 -7.92
CA GLU A 89 -5.78 17.29 -6.55
C GLU A 89 -6.30 15.93 -6.11
N ASP A 90 -7.29 15.38 -6.82
CA ASP A 90 -7.87 14.10 -6.46
C ASP A 90 -7.20 12.92 -7.14
N SER A 91 -6.16 13.16 -7.95
CA SER A 91 -5.40 12.08 -8.57
C SER A 91 -4.56 11.37 -7.50
N ALA A 92 -4.88 10.11 -7.24
CA ALA A 92 -4.17 9.36 -6.20
C ALA A 92 -4.54 7.88 -6.32
N VAL A 93 -3.88 7.08 -5.50
CA VAL A 93 -4.26 5.69 -5.28
C VAL A 93 -5.26 5.64 -4.14
N TYR A 94 -6.36 4.91 -4.34
CA TYR A 94 -7.40 4.79 -3.33
C TYR A 94 -7.51 3.34 -2.89
N TYR A 95 -7.13 3.07 -1.65
CA TYR A 95 -7.26 1.74 -1.07
C TYR A 95 -8.58 1.60 -0.35
N CYS A 96 -9.09 0.37 -0.32
CA CYS A 96 -10.10 -0.02 0.65
C CYS A 96 -9.46 -0.99 1.64
N ALA A 97 -10.02 -1.02 2.84
CA ALA A 97 -9.49 -1.88 3.90
C ALA A 97 -10.65 -2.34 4.77
N ARG A 98 -10.48 -3.51 5.38
CA ARG A 98 -11.49 -4.07 6.26
C ARG A 98 -11.01 -4.02 7.69
N GLU A 99 -11.86 -3.48 8.57
CA GLU A 99 -11.61 -3.43 10.00
C GLU A 99 -12.73 -4.19 10.70
N ARG A 100 -12.36 -5.14 11.57
CA ARG A 100 -13.33 -5.99 12.23
C ARG A 100 -14.00 -5.29 13.40
N GLY A 101 -14.09 -3.96 13.35
CA GLY A 101 -14.63 -3.20 14.45
C GLY A 101 -13.74 -3.16 15.67
N ASP A 102 -12.45 -3.48 15.51
CA ASP A 102 -11.51 -3.48 16.62
C ASP A 102 -10.32 -2.54 16.39
N GLY A 103 -10.42 -1.64 15.41
CA GLY A 103 -9.56 -0.48 15.34
C GLY A 103 -8.41 -0.54 14.36
N TYR A 104 -8.04 -1.73 13.87
CA TYR A 104 -6.92 -1.85 12.96
C TYR A 104 -7.37 -2.43 11.63
N PHE A 105 -6.52 -2.25 10.61
CA PHE A 105 -6.84 -2.64 9.24
C PHE A 105 -6.11 -3.94 8.93
N ALA A 106 -6.80 -5.06 9.19
CA ALA A 106 -6.19 -6.37 8.99
C ALA A 106 -5.89 -6.64 7.52
N VAL A 107 -6.70 -6.12 6.61
CA VAL A 107 -6.65 -6.50 5.20
C VAL A 107 -6.85 -5.27 4.34
N TRP A 108 -5.98 -5.09 3.35
CA TRP A 108 -6.03 -3.97 2.42
C TRP A 108 -6.23 -4.46 1.00
N GLY A 109 -7.00 -3.71 0.22
CA GLY A 109 -7.05 -3.93 -1.21
C GLY A 109 -5.75 -3.50 -1.88
N ALA A 110 -5.64 -3.83 -3.16
CA ALA A 110 -4.45 -3.46 -3.91
C ALA A 110 -4.46 -2.00 -4.34
N GLY A 111 -5.60 -1.33 -4.27
CA GLY A 111 -5.69 0.08 -4.60
C GLY A 111 -6.09 0.35 -6.03
N THR A 112 -6.87 1.42 -6.23
CA THR A 112 -7.29 1.87 -7.56
C THR A 112 -6.57 3.18 -7.87
N THR A 113 -5.77 3.18 -8.94
CA THR A 113 -5.08 4.39 -9.37
C THR A 113 -6.04 5.26 -10.14
N VAL A 114 -6.41 6.41 -9.57
CA VAL A 114 -7.34 7.33 -10.20
C VAL A 114 -6.54 8.51 -10.78
N THR A 115 -6.67 8.72 -12.09
CA THR A 115 -6.05 9.84 -12.77
C THR A 115 -7.14 10.77 -13.28
N VAL A 116 -7.05 12.04 -12.87
CA VAL A 116 -8.00 13.07 -13.31
C VAL A 116 -7.31 13.86 -14.41
N SER A 117 -7.75 13.65 -15.65
CA SER A 117 -7.10 14.28 -16.79
C SER A 117 -8.04 14.27 -17.99
N SER A 118 -7.85 15.23 -18.89
CA SER A 118 -8.62 15.33 -20.11
C SER A 118 -8.02 14.55 -21.26
N ALA A 119 -6.82 13.99 -21.10
CA ALA A 119 -6.17 13.21 -22.13
C ALA A 119 -6.92 11.90 -22.36
N LYS A 120 -6.48 11.13 -23.34
CA LYS A 120 -7.18 9.93 -23.77
C LYS A 120 -6.39 8.68 -23.41
N THR A 121 -7.13 7.59 -23.14
CA THR A 121 -6.51 6.31 -22.84
C THR A 121 -5.84 5.75 -24.10
N THR A 122 -4.57 5.35 -23.96
CA THR A 122 -3.81 4.76 -25.06
C THR A 122 -3.10 3.53 -24.52
N PRO A 123 -3.27 2.37 -25.16
CA PRO A 123 -2.55 1.17 -24.72
C PRO A 123 -1.07 1.29 -25.01
N PRO A 124 -0.23 0.54 -24.30
CA PRO A 124 1.21 0.67 -24.50
C PRO A 124 1.71 -0.16 -25.68
N SER A 125 2.89 0.23 -26.17
CA SER A 125 3.63 -0.56 -27.14
C SER A 125 4.78 -1.24 -26.42
N VAL A 126 4.90 -2.55 -26.60
CA VAL A 126 5.92 -3.35 -25.92
C VAL A 126 6.95 -3.81 -26.95
N TYR A 127 8.23 -3.58 -26.64
CA TYR A 127 9.32 -3.99 -27.49
C TYR A 127 10.34 -4.79 -26.68
N PRO A 128 10.90 -5.85 -27.26
CA PRO A 128 11.91 -6.62 -26.53
C PRO A 128 13.25 -5.89 -26.47
N LEU A 129 14.06 -6.30 -25.49
CA LEU A 129 15.42 -5.76 -25.30
C LEU A 129 16.37 -6.94 -25.21
N ALA A 130 16.93 -7.33 -26.35
CA ALA A 130 17.93 -8.39 -26.43
C ALA A 130 19.32 -7.80 -26.64
N PRO A 131 20.36 -8.47 -26.15
CA PRO A 131 21.72 -7.94 -26.33
C PRO A 131 22.12 -7.86 -27.80
N GLY A 132 22.96 -6.87 -28.12
CA GLY A 132 23.51 -6.77 -29.45
C GLY A 132 24.41 -7.93 -29.80
N SER A 133 24.69 -8.07 -31.09
CA SER A 133 25.48 -9.20 -31.57
C SER A 133 26.91 -9.18 -31.03
N ALA A 134 27.41 -8.01 -30.61
CA ALA A 134 28.78 -7.88 -30.16
C ALA A 134 28.93 -7.91 -28.64
N ALA A 135 27.82 -7.95 -27.90
CA ALA A 135 27.90 -7.92 -26.44
C ALA A 135 28.50 -9.23 -25.91
N GLN A 136 29.56 -9.11 -25.12
CA GLN A 136 30.17 -10.27 -24.50
C GLN A 136 29.30 -10.80 -23.37
N THR A 137 29.28 -12.12 -23.21
CA THR A 137 28.43 -12.78 -22.24
C THR A 137 29.23 -13.12 -20.99
N ASN A 138 28.74 -12.66 -19.83
CA ASN A 138 29.30 -13.05 -18.55
C ASN A 138 28.67 -14.35 -18.09
N SER A 139 28.63 -14.58 -16.77
CA SER A 139 27.91 -15.73 -16.25
C SER A 139 26.42 -15.46 -16.11
N MET A 140 26.01 -14.19 -16.14
CA MET A 140 24.61 -13.80 -16.20
C MET A 140 24.37 -12.99 -17.46
N VAL A 141 23.13 -13.01 -17.93
CA VAL A 141 22.71 -12.19 -19.07
C VAL A 141 21.51 -11.37 -18.64
N THR A 142 21.49 -10.10 -19.05
CA THR A 142 20.42 -9.17 -18.70
C THR A 142 19.56 -8.92 -19.94
N LEU A 143 18.27 -9.20 -19.81
CA LEU A 143 17.29 -8.90 -20.85
C LEU A 143 16.30 -7.88 -20.31
N GLY A 144 15.47 -7.37 -21.20
CA GLY A 144 14.49 -6.40 -20.79
C GLY A 144 13.38 -6.24 -21.80
N CYS A 145 12.50 -5.27 -21.53
CA CYS A 145 11.42 -4.94 -22.44
C CYS A 145 11.07 -3.47 -22.23
N LEU A 146 10.60 -2.83 -23.30
CA LEU A 146 10.35 -1.39 -23.31
C LEU A 146 8.86 -1.15 -23.48
N VAL A 147 8.24 -0.53 -22.48
CA VAL A 147 6.83 -0.21 -22.48
C VAL A 147 6.70 1.29 -22.73
N LYS A 148 6.27 1.66 -23.94
CA LYS A 148 6.35 3.03 -24.41
C LYS A 148 4.99 3.57 -24.78
N GLY A 149 4.76 4.83 -24.44
CA GLY A 149 3.61 5.58 -24.91
C GLY A 149 2.26 5.02 -24.50
N TYR A 150 1.97 5.03 -23.20
CA TYR A 150 0.67 4.64 -22.69
C TYR A 150 0.12 5.74 -21.79
N PHE A 151 -1.17 5.64 -21.49
CA PHE A 151 -1.88 6.57 -20.63
C PHE A 151 -3.23 5.98 -20.26
N PRO A 152 -3.65 6.08 -18.99
CA PRO A 152 -2.87 6.62 -17.89
C PRO A 152 -2.10 5.53 -17.16
N GLU A 153 -1.48 5.88 -16.03
CA GLU A 153 -0.85 4.90 -15.17
C GLU A 153 -1.92 4.02 -14.55
N PRO A 154 -1.57 2.79 -14.13
CA PRO A 154 -0.24 2.17 -14.21
C PRO A 154 -0.17 1.03 -15.22
N VAL A 155 1.01 0.41 -15.33
CA VAL A 155 1.16 -0.87 -15.99
C VAL A 155 1.83 -1.82 -15.00
N THR A 156 1.57 -3.11 -15.20
CA THR A 156 2.16 -4.17 -14.38
C THR A 156 2.96 -5.09 -15.29
N VAL A 157 4.26 -5.20 -15.00
CA VAL A 157 5.16 -6.04 -15.77
C VAL A 157 5.56 -7.23 -14.91
N THR A 158 5.32 -8.44 -15.42
CA THR A 158 5.83 -9.66 -14.84
C THR A 158 6.72 -10.35 -15.86
N TRP A 159 7.57 -11.26 -15.38
CA TRP A 159 8.48 -12.01 -16.23
C TRP A 159 8.18 -13.49 -16.08
N ASN A 160 7.83 -14.12 -17.21
CA ASN A 160 7.33 -15.50 -17.23
C ASN A 160 6.16 -15.66 -16.26
N SER A 161 5.27 -14.66 -16.29
CA SER A 161 4.06 -14.62 -15.47
C SER A 161 4.35 -14.91 -14.00
N GLY A 162 5.35 -14.23 -13.47
CA GLY A 162 5.65 -14.26 -12.06
C GLY A 162 6.70 -15.26 -11.62
N SER A 163 6.97 -16.29 -12.43
CA SER A 163 7.94 -17.30 -12.02
C SER A 163 9.36 -16.76 -11.98
N LEU A 164 9.63 -15.65 -12.65
CA LEU A 164 10.94 -14.99 -12.61
C LEU A 164 10.83 -13.73 -11.76
N SER A 165 10.68 -13.94 -10.45
CA SER A 165 10.56 -12.80 -9.54
C SER A 165 11.92 -12.20 -9.20
N SER A 166 12.92 -13.04 -8.96
CA SER A 166 14.24 -12.56 -8.60
C SER A 166 14.96 -11.99 -9.81
N GLY A 167 15.76 -10.95 -9.56
CA GLY A 167 16.52 -10.32 -10.61
C GLY A 167 15.72 -9.44 -11.55
N VAL A 168 14.71 -8.75 -11.04
CA VAL A 168 13.83 -7.91 -11.85
C VAL A 168 13.88 -6.48 -11.32
N HIS A 169 14.03 -5.53 -12.24
CA HIS A 169 13.84 -4.10 -11.95
C HIS A 169 12.79 -3.57 -12.91
N THR A 170 11.77 -2.92 -12.37
CA THR A 170 10.82 -2.16 -13.18
C THR A 170 10.97 -0.69 -12.79
N PHE A 171 11.46 0.11 -13.72
CA PHE A 171 11.77 1.50 -13.44
C PHE A 171 10.49 2.34 -13.43
N PRO A 172 10.45 3.37 -12.58
CA PRO A 172 9.29 4.26 -12.57
C PRO A 172 9.06 4.88 -13.94
N ALA A 173 7.78 5.04 -14.29
CA ALA A 173 7.43 5.60 -15.57
C ALA A 173 7.84 7.07 -15.66
N VAL A 174 8.13 7.50 -16.88
CA VAL A 174 8.45 8.90 -17.18
C VAL A 174 7.39 9.43 -18.13
N LEU A 175 6.86 10.61 -17.83
CA LEU A 175 5.78 11.20 -18.60
C LEU A 175 6.34 12.17 -19.64
N GLN A 176 5.81 12.09 -20.85
CA GLN A 176 6.25 12.97 -21.93
C GLN A 176 5.13 13.10 -22.95
N SER A 177 4.69 14.32 -23.20
CA SER A 177 3.63 14.62 -24.18
C SER A 177 2.38 13.81 -23.90
N ASP A 178 1.98 13.80 -22.62
CA ASP A 178 0.77 13.10 -22.16
C ASP A 178 0.82 11.61 -22.40
N LEU A 179 2.03 11.03 -22.42
CA LEU A 179 2.20 9.58 -22.60
C LEU A 179 3.38 9.10 -21.79
N TYR A 180 3.17 8.02 -21.03
CA TYR A 180 4.19 7.47 -20.14
C TYR A 180 5.02 6.42 -20.86
N THR A 181 6.26 6.23 -20.37
CA THR A 181 7.16 5.21 -20.88
C THR A 181 7.99 4.67 -19.73
N LEU A 182 8.15 3.35 -19.70
CA LEU A 182 9.04 2.73 -18.70
C LEU A 182 9.72 1.53 -19.33
N SER A 183 10.64 0.95 -18.56
CA SER A 183 11.36 -0.25 -18.95
C SER A 183 11.45 -1.18 -17.76
N SER A 184 11.53 -2.48 -18.05
CA SER A 184 11.77 -3.50 -17.04
C SER A 184 12.94 -4.36 -17.46
N SER A 185 13.73 -4.79 -16.49
CA SER A 185 14.93 -5.58 -16.74
C SER A 185 14.89 -6.88 -15.95
N VAL A 186 15.45 -7.93 -16.53
CA VAL A 186 15.52 -9.23 -15.88
C VAL A 186 16.91 -9.83 -16.14
N THR A 187 17.45 -10.51 -15.15
CA THR A 187 18.76 -11.14 -15.24
C THR A 187 18.63 -12.62 -14.94
N VAL A 188 19.13 -13.46 -15.85
CA VAL A 188 19.09 -14.91 -15.70
C VAL A 188 20.49 -15.45 -15.89
N PRO A 189 20.75 -16.68 -15.46
CA PRO A 189 22.02 -17.32 -15.81
C PRO A 189 22.17 -17.42 -17.33
N SER A 190 23.33 -16.99 -17.83
CA SER A 190 23.51 -16.87 -19.27
C SER A 190 23.45 -18.20 -19.99
N SER A 191 23.81 -19.30 -19.33
CA SER A 191 23.65 -20.62 -19.93
C SER A 191 22.19 -20.99 -20.12
N SER A 192 21.27 -20.26 -19.48
CA SER A 192 19.88 -20.65 -19.43
C SER A 192 19.09 -20.15 -20.63
N TRP A 193 19.37 -18.94 -21.09
CA TRP A 193 18.75 -18.29 -22.24
C TRP A 193 19.61 -18.46 -23.49
N PRO A 194 19.00 -18.74 -24.66
CA PRO A 194 17.57 -18.83 -24.92
C PRO A 194 17.01 -20.24 -24.86
N SER A 195 17.76 -21.19 -24.28
CA SER A 195 17.28 -22.56 -24.21
C SER A 195 16.04 -22.67 -23.33
N GLU A 196 15.94 -21.83 -22.30
CA GLU A 196 14.71 -21.64 -21.55
C GLU A 196 14.11 -20.29 -21.86
N THR A 197 12.81 -20.27 -22.11
CA THR A 197 12.14 -19.10 -22.63
C THR A 197 12.01 -18.02 -21.55
N VAL A 198 12.12 -16.76 -21.98
CA VAL A 198 11.97 -15.60 -21.10
C VAL A 198 11.01 -14.64 -21.76
N THR A 199 9.87 -14.41 -21.12
CA THR A 199 8.80 -13.61 -21.69
C THR A 199 8.30 -12.61 -20.65
N CYS A 200 8.08 -11.38 -21.08
CA CYS A 200 7.52 -10.33 -20.24
C CYS A 200 6.01 -10.23 -20.48
N ASN A 201 5.28 -9.91 -19.42
CA ASN A 201 3.83 -9.75 -19.47
C ASN A 201 3.47 -8.35 -18.98
N VAL A 202 2.90 -7.54 -19.86
CA VAL A 202 2.57 -6.15 -19.57
C VAL A 202 1.05 -6.02 -19.55
N ALA A 203 0.52 -5.55 -18.42
CA ALA A 203 -0.91 -5.30 -18.27
C ALA A 203 -1.17 -3.81 -18.15
N HIS A 204 -2.19 -3.34 -18.85
CA HIS A 204 -2.63 -1.95 -18.76
C HIS A 204 -4.12 -1.96 -18.44
N PRO A 205 -4.49 -1.89 -17.17
CA PRO A 205 -5.90 -2.06 -16.81
C PRO A 205 -6.81 -0.94 -17.30
N ALA A 206 -6.29 0.27 -17.47
CA ALA A 206 -7.14 1.37 -17.93
C ALA A 206 -7.65 1.13 -19.34
N SER A 207 -6.93 0.34 -20.13
CA SER A 207 -7.35 -0.04 -21.47
C SER A 207 -7.75 -1.50 -21.57
N SER A 208 -7.73 -2.24 -20.46
CA SER A 208 -8.10 -3.66 -20.43
C SER A 208 -7.25 -4.48 -21.40
N THR A 209 -5.98 -4.11 -21.52
CA THR A 209 -5.06 -4.79 -22.43
C THR A 209 -4.01 -5.55 -21.63
N LYS A 210 -3.61 -6.71 -22.17
CA LYS A 210 -2.57 -7.54 -21.58
C LYS A 210 -1.77 -8.14 -22.73
N VAL A 211 -0.46 -7.91 -22.72
CA VAL A 211 0.41 -8.26 -23.83
C VAL A 211 1.57 -9.11 -23.32
N ASP A 212 1.91 -10.15 -24.09
CA ASP A 212 3.11 -10.95 -23.86
C ASP A 212 4.10 -10.69 -24.98
N LYS A 213 5.39 -10.64 -24.63
CA LYS A 213 6.44 -10.46 -25.63
C LYS A 213 7.63 -11.32 -25.25
N LYS A 214 8.03 -12.20 -26.16
CA LYS A 214 9.15 -13.10 -25.95
C LYS A 214 10.45 -12.43 -26.38
N ILE A 215 11.50 -12.65 -25.59
CA ILE A 215 12.81 -12.05 -25.84
C ILE A 215 13.68 -13.12 -26.51
N VAL A 216 13.78 -13.05 -27.84
CA VAL A 216 14.60 -14.00 -28.59
C VAL A 216 15.91 -13.32 -28.97
N PRO A 217 17.00 -14.07 -29.11
CA PRO A 217 18.24 -13.45 -29.62
C PRO A 217 18.08 -13.04 -31.07
N ARG A 218 18.57 -11.84 -31.38
CA ARG A 218 18.50 -11.29 -32.73
C ARG A 218 17.05 -11.20 -33.20
N ASP A 219 16.83 -11.10 -34.50
CA ASP A 219 15.49 -11.08 -35.07
C ASP A 219 15.29 -12.27 -36.00
N ASP B 1 -8.60 15.91 17.13
CA ASP B 1 -8.10 14.77 16.35
C ASP B 1 -6.66 14.44 16.73
N ILE B 2 -6.38 13.16 16.92
CA ILE B 2 -5.06 12.72 17.37
C ILE B 2 -4.05 12.94 16.25
N LEU B 3 -3.03 13.77 16.53
CA LEU B 3 -1.91 13.95 15.64
C LEU B 3 -0.80 12.97 16.02
N LEU B 4 -0.35 12.18 15.04
CA LEU B 4 0.71 11.21 15.26
C LEU B 4 1.96 11.69 14.55
N THR B 5 3.01 11.93 15.32
CA THR B 5 4.26 12.46 14.79
C THR B 5 5.28 11.34 14.69
N GLN B 6 5.76 11.09 13.46
CA GLN B 6 6.82 10.12 13.21
C GLN B 6 8.09 10.86 12.86
N SER B 7 9.02 10.93 13.82
CA SER B 7 10.26 11.67 13.69
C SER B 7 11.39 10.83 14.25
N PRO B 8 12.49 10.63 13.50
CA PRO B 8 12.78 11.24 12.20
C PRO B 8 12.03 10.60 11.03
N ALA B 9 12.00 11.32 9.90
CA ALA B 9 11.28 10.84 8.73
C ALA B 9 12.05 9.83 7.91
N ILE B 10 13.38 9.78 8.06
CA ILE B 10 14.21 8.80 7.36
C ILE B 10 15.18 8.18 8.37
N LEU B 11 15.39 6.87 8.24
CA LEU B 11 16.22 6.10 9.17
C LEU B 11 17.25 5.32 8.37
N SER B 12 18.53 5.65 8.57
CA SER B 12 19.62 5.00 7.84
C SER B 12 20.36 4.06 8.78
N VAL B 13 20.52 2.80 8.35
CA VAL B 13 21.00 1.73 9.22
C VAL B 13 21.90 0.80 8.41
N SER B 14 22.90 0.17 9.12
CA SER B 14 23.71 -0.90 8.55
C SER B 14 23.01 -2.24 8.74
N PRO B 15 23.27 -3.22 7.86
CA PRO B 15 22.56 -4.50 7.96
C PRO B 15 22.86 -5.21 9.28
N GLY B 16 21.84 -5.92 9.79
CA GLY B 16 21.96 -6.62 11.04
C GLY B 16 21.82 -5.78 12.28
N GLU B 17 21.88 -4.45 12.17
CA GLU B 17 21.69 -3.57 13.31
C GLU B 17 20.25 -3.65 13.81
N ARG B 18 20.03 -3.13 15.01
CA ARG B 18 18.68 -2.93 15.52
C ARG B 18 18.22 -1.52 15.17
N VAL B 19 16.98 -1.41 14.72
CA VAL B 19 16.41 -0.13 14.34
C VAL B 19 15.11 0.07 15.10
N SER B 20 14.83 1.33 15.43
CA SER B 20 13.63 1.70 16.19
C SER B 20 12.95 2.89 15.52
N PHE B 21 11.66 2.74 15.24
CA PHE B 21 10.83 3.82 14.71
C PHE B 21 10.02 4.43 15.83
N SER B 22 9.91 5.76 15.83
CA SER B 22 9.23 6.50 16.88
C SER B 22 7.90 7.04 16.38
N CYS B 23 6.86 6.86 17.18
CA CYS B 23 5.55 7.45 16.93
C CYS B 23 5.07 8.08 18.23
N ARG B 24 4.70 9.37 18.15
CA ARG B 24 4.26 10.12 19.33
C ARG B 24 2.89 10.72 19.07
N ALA B 25 1.96 10.50 19.99
CA ALA B 25 0.60 11.01 19.86
C ALA B 25 0.45 12.32 20.61
N SER B 26 -0.43 13.18 20.08
CA SER B 26 -0.66 14.49 20.66
C SER B 26 -1.36 14.42 22.02
N GLN B 27 -1.94 13.28 22.36
CA GLN B 27 -2.45 13.05 23.71
C GLN B 27 -2.44 11.54 23.96
N SER B 28 -2.67 11.17 25.21
CA SER B 28 -2.55 9.77 25.61
C SER B 28 -3.61 8.92 24.94
N ILE B 29 -3.18 7.79 24.36
CA ILE B 29 -4.10 6.92 23.62
C ILE B 29 -3.95 5.47 24.09
N GLY B 30 -3.51 5.28 25.33
CA GLY B 30 -3.42 3.94 25.88
C GLY B 30 -2.42 3.11 25.11
N THR B 31 -2.89 1.97 24.57
CA THR B 31 -2.09 1.13 23.70
C THR B 31 -2.72 0.95 22.33
N ASP B 32 -3.65 1.84 21.96
CA ASP B 32 -4.41 1.69 20.72
C ASP B 32 -3.64 2.29 19.54
N ILE B 33 -2.48 1.70 19.25
CA ILE B 33 -1.66 2.09 18.12
C ILE B 33 -1.30 0.84 17.32
N HIS B 34 -1.29 0.97 16.00
CA HIS B 34 -1.03 -0.14 15.09
C HIS B 34 -0.03 0.30 14.03
N TRP B 35 0.82 -0.65 13.62
CA TRP B 35 1.92 -0.36 12.71
C TRP B 35 1.73 -1.07 11.38
N TYR B 36 2.06 -0.38 10.30
CA TYR B 36 1.92 -0.92 8.95
C TYR B 36 3.23 -0.74 8.19
N GLN B 37 3.46 -1.65 7.25
CA GLN B 37 4.60 -1.58 6.34
C GLN B 37 4.08 -1.47 4.92
N GLN B 38 4.68 -0.56 4.14
CA GLN B 38 4.34 -0.41 2.73
C GLN B 38 5.62 -0.40 1.92
N ARG B 39 5.84 -1.45 1.14
CA ARG B 39 6.95 -1.47 0.21
C ARG B 39 6.59 -0.68 -1.04
N THR B 40 7.63 -0.36 -1.83
CA THR B 40 7.44 0.37 -3.07
C THR B 40 6.41 -0.31 -3.95
N ASN B 41 5.36 0.44 -4.30
CA ASN B 41 4.23 0.01 -5.13
C ASN B 41 3.33 -1.01 -4.46
N GLY B 42 3.52 -1.26 -3.17
CA GLY B 42 2.71 -2.25 -2.46
C GLY B 42 1.61 -1.63 -1.62
N SER B 43 0.72 -2.49 -1.15
CA SER B 43 -0.31 -2.07 -0.22
C SER B 43 0.23 -2.08 1.21
N PRO B 44 -0.34 -1.27 2.10
CA PRO B 44 0.05 -1.35 3.50
C PRO B 44 -0.22 -2.73 4.06
N ARG B 45 0.66 -3.18 4.96
CA ARG B 45 0.55 -4.50 5.56
C ARG B 45 0.75 -4.39 7.06
N LEU B 46 -0.21 -4.92 7.82
CA LEU B 46 -0.19 -4.79 9.27
C LEU B 46 0.95 -5.60 9.88
N LEU B 47 1.77 -4.94 10.69
CA LEU B 47 2.91 -5.55 11.36
C LEU B 47 2.62 -5.85 12.83
N ILE B 48 2.14 -4.85 13.56
CA ILE B 48 1.89 -4.92 14.99
C ILE B 48 0.53 -4.29 15.26
N LYS B 49 -0.24 -4.89 16.15
CA LYS B 49 -1.49 -4.30 16.59
C LYS B 49 -1.43 -4.07 18.09
N TYR B 50 -2.13 -3.04 18.55
CA TYR B 50 -2.22 -2.68 19.96
C TYR B 50 -0.82 -2.55 20.58
N ALA B 51 0.05 -1.83 19.87
CA ALA B 51 1.35 -1.37 20.34
C ALA B 51 2.40 -2.47 20.41
N SER B 52 2.00 -3.70 20.78
CA SER B 52 2.99 -4.74 20.99
C SER B 52 2.56 -6.14 20.56
N GLU B 53 1.30 -6.36 20.17
CA GLU B 53 0.83 -7.70 19.85
C GLU B 53 1.28 -8.10 18.45
N SER B 54 1.84 -9.30 18.33
CA SER B 54 2.34 -9.78 17.05
C SER B 54 1.19 -10.23 16.16
N ILE B 55 1.48 -10.30 14.86
CA ILE B 55 0.52 -10.72 13.85
C ILE B 55 1.05 -12.01 13.21
N SER B 56 0.15 -12.94 12.95
CA SER B 56 0.55 -14.20 12.30
C SER B 56 1.12 -13.94 10.92
N GLY B 57 2.35 -14.42 10.70
CA GLY B 57 3.01 -14.26 9.43
C GLY B 57 4.09 -13.20 9.39
N ILE B 58 4.25 -12.42 10.45
CA ILE B 58 5.23 -11.34 10.50
C ILE B 58 6.49 -11.88 11.20
N PRO B 59 7.68 -11.63 10.64
CA PRO B 59 8.91 -12.18 11.23
C PRO B 59 9.06 -11.82 12.70
N SER B 60 9.70 -12.72 13.45
CA SER B 60 9.89 -12.55 14.89
C SER B 60 10.70 -11.31 15.22
N ARG B 61 11.50 -10.81 14.28
CA ARG B 61 12.36 -9.67 14.56
C ARG B 61 11.59 -8.36 14.65
N PHE B 62 10.30 -8.36 14.29
CA PHE B 62 9.44 -7.20 14.47
C PHE B 62 8.79 -7.25 15.84
N SER B 63 8.94 -6.17 16.61
CA SER B 63 8.26 -6.02 17.89
C SER B 63 7.90 -4.55 18.08
N GLY B 64 7.07 -4.29 19.08
CA GLY B 64 6.65 -2.93 19.37
C GLY B 64 6.51 -2.73 20.85
N SER B 65 6.55 -1.47 21.28
CA SER B 65 6.50 -1.15 22.69
C SER B 65 5.96 0.25 22.89
N GLY B 66 5.55 0.54 24.12
CA GLY B 66 5.06 1.86 24.47
C GLY B 66 3.61 1.90 24.92
N SER B 67 3.25 2.98 25.61
CA SER B 67 1.87 3.24 25.99
C SER B 67 1.78 4.71 26.36
N GLY B 68 0.55 5.23 26.37
CA GLY B 68 0.36 6.65 26.62
C GLY B 68 0.54 7.46 25.35
N THR B 69 1.65 8.17 25.22
CA THR B 69 1.91 8.99 24.05
C THR B 69 3.11 8.56 23.23
N ASP B 70 4.05 7.81 23.82
CA ASP B 70 5.29 7.45 23.15
C ASP B 70 5.26 5.98 22.77
N PHE B 71 5.43 5.71 21.47
CA PHE B 71 5.41 4.36 20.93
C PHE B 71 6.60 4.17 20.02
N THR B 72 7.11 2.94 19.98
CA THR B 72 8.21 2.61 19.10
C THR B 72 8.03 1.24 18.49
N LEU B 73 8.38 1.13 17.20
CA LEU B 73 8.44 -0.13 16.50
C LEU B 73 9.91 -0.51 16.29
N SER B 74 10.24 -1.77 16.56
CA SER B 74 11.62 -2.21 16.55
C SER B 74 11.81 -3.39 15.61
N ILE B 75 12.94 -3.38 14.90
CA ILE B 75 13.37 -4.49 14.06
C ILE B 75 14.69 -5.02 14.62
N ASN B 76 14.68 -6.27 15.06
CA ASN B 76 15.89 -6.92 15.54
C ASN B 76 16.67 -7.46 14.34
N SER B 77 17.84 -6.89 14.09
CA SER B 77 18.65 -7.26 12.92
C SER B 77 17.92 -6.93 11.62
N VAL B 78 18.12 -5.70 11.13
CA VAL B 78 17.45 -5.26 9.92
C VAL B 78 18.01 -5.99 8.71
N GLU B 79 17.19 -6.12 7.67
CA GLU B 79 17.52 -6.89 6.48
C GLU B 79 16.89 -6.23 5.27
N SER B 80 17.42 -6.56 4.08
CA SER B 80 17.08 -5.81 2.86
C SER B 80 15.57 -5.78 2.61
N GLU B 81 14.86 -6.86 2.92
CA GLU B 81 13.42 -6.90 2.68
C GLU B 81 12.65 -5.94 3.58
N ASP B 82 13.27 -5.42 4.64
CA ASP B 82 12.64 -4.45 5.52
C ASP B 82 12.66 -3.03 4.95
N ILE B 83 13.32 -2.81 3.81
CA ILE B 83 13.32 -1.48 3.21
C ILE B 83 11.90 -1.14 2.77
N ALA B 84 11.32 -0.11 3.40
CA ALA B 84 9.93 0.28 3.16
C ALA B 84 9.59 1.57 3.88
N ASN B 85 8.35 2.02 3.75
CA ASN B 85 7.81 3.10 4.57
C ASN B 85 6.97 2.49 5.70
N TYR B 86 7.05 3.09 6.88
CA TYR B 86 6.40 2.55 8.06
C TYR B 86 5.46 3.60 8.65
N TYR B 87 4.21 3.20 8.88
CA TYR B 87 3.17 4.11 9.35
C TYR B 87 2.57 3.60 10.65
N CYS B 88 2.31 4.52 11.58
CA CYS B 88 1.51 4.21 12.75
C CYS B 88 0.09 4.75 12.56
N GLN B 89 -0.84 4.21 13.35
CA GLN B 89 -2.25 4.54 13.24
C GLN B 89 -2.90 4.32 14.60
N GLN B 90 -3.75 5.25 15.01
CA GLN B 90 -4.41 5.17 16.31
C GLN B 90 -5.90 4.89 16.13
N SER B 91 -6.45 4.11 17.08
CA SER B 91 -7.86 3.78 17.09
C SER B 91 -8.50 4.11 18.43
N ASN B 92 -7.88 5.00 19.21
CA ASN B 92 -8.39 5.33 20.54
C ASN B 92 -9.58 6.27 20.49
N ARG B 93 -9.55 7.26 19.59
CA ARG B 93 -10.62 8.24 19.47
C ARG B 93 -10.96 8.45 18.01
N TRP B 94 -12.22 8.80 17.76
CA TRP B 94 -12.64 9.08 16.40
C TRP B 94 -12.19 10.48 15.98
N PRO B 95 -11.69 10.65 14.75
CA PRO B 95 -11.50 9.60 13.75
C PRO B 95 -10.14 8.92 13.83
N PHE B 96 -10.03 7.73 13.22
CA PHE B 96 -8.72 7.09 13.10
C PHE B 96 -7.79 7.99 12.31
N THR B 97 -6.53 8.05 12.74
CA THR B 97 -5.53 8.91 12.08
C THR B 97 -4.25 8.12 11.86
N PHE B 98 -3.50 8.55 10.84
CA PHE B 98 -2.23 7.94 10.47
C PHE B 98 -1.08 8.90 10.77
N GLY B 99 0.06 8.34 11.14
CA GLY B 99 1.28 9.11 11.18
C GLY B 99 1.79 9.40 9.78
N SER B 100 2.75 10.32 9.71
CA SER B 100 3.26 10.76 8.40
C SER B 100 4.23 9.77 7.78
N GLY B 101 4.79 8.85 8.57
CA GLY B 101 5.57 7.77 8.00
C GLY B 101 7.07 7.99 8.13
N THR B 102 7.80 6.88 8.26
CA THR B 102 9.26 6.89 8.32
C THR B 102 9.80 5.92 7.27
N LYS B 103 10.76 6.38 6.48
CA LYS B 103 11.42 5.55 5.49
C LYS B 103 12.64 4.88 6.11
N LEU B 104 12.81 3.59 5.83
CA LEU B 104 13.98 2.84 6.26
C LEU B 104 14.96 2.70 5.10
N GLU B 105 16.20 3.14 5.32
CA GLU B 105 17.28 2.99 4.36
C GLU B 105 18.38 2.14 4.96
N ILE B 106 18.99 1.30 4.13
CA ILE B 106 20.05 0.40 4.57
C ILE B 106 21.36 0.84 3.93
N LYS B 107 22.38 1.07 4.75
CA LYS B 107 23.72 1.34 4.26
C LYS B 107 24.43 0.01 4.04
N ARG B 108 24.68 -0.33 2.77
CA ARG B 108 25.34 -1.57 2.40
C ARG B 108 26.73 -1.28 1.86
N ALA B 109 27.47 -2.34 1.53
CA ALA B 109 28.77 -2.18 0.92
C ALA B 109 28.63 -1.60 -0.48
N ASP B 110 29.66 -0.85 -0.90
CA ASP B 110 29.64 -0.23 -2.22
C ASP B 110 29.57 -1.29 -3.31
N ALA B 111 28.96 -0.93 -4.43
CA ALA B 111 28.80 -1.86 -5.54
C ALA B 111 28.78 -1.07 -6.85
N ALA B 112 29.57 -1.52 -7.82
CA ALA B 112 29.59 -0.90 -9.13
C ALA B 112 28.40 -1.35 -9.96
N PRO B 113 27.89 -0.49 -10.84
CA PRO B 113 26.72 -0.87 -11.63
C PRO B 113 27.07 -1.86 -12.73
N THR B 114 26.10 -2.72 -13.04
CA THR B 114 26.17 -3.58 -14.21
C THR B 114 25.49 -2.86 -15.37
N VAL B 115 26.28 -2.51 -16.39
CA VAL B 115 25.80 -1.69 -17.50
C VAL B 115 25.51 -2.57 -18.70
N SER B 116 24.35 -2.36 -19.32
CA SER B 116 23.94 -3.07 -20.51
C SER B 116 23.27 -2.10 -21.46
N ILE B 117 23.69 -2.10 -22.72
CA ILE B 117 23.11 -1.24 -23.75
C ILE B 117 22.31 -2.11 -24.70
N PHE B 118 21.19 -1.58 -25.17
CA PHE B 118 20.28 -2.32 -26.04
C PHE B 118 19.96 -1.47 -27.26
N PRO B 119 20.18 -1.96 -28.47
CA PRO B 119 19.76 -1.21 -29.67
C PRO B 119 18.26 -1.29 -29.83
N PRO B 120 17.66 -0.38 -30.61
CA PRO B 120 16.22 -0.46 -30.85
C PRO B 120 15.84 -1.79 -31.48
N SER B 121 14.59 -2.18 -31.28
CA SER B 121 14.10 -3.46 -31.77
C SER B 121 13.59 -3.33 -33.21
N SER B 122 13.45 -4.48 -33.86
CA SER B 122 12.90 -4.49 -35.22
C SER B 122 11.48 -3.95 -35.23
N GLU B 123 10.66 -4.37 -34.27
CA GLU B 123 9.27 -3.94 -34.23
C GLU B 123 9.15 -2.43 -34.06
N GLN B 124 9.97 -1.84 -33.18
CA GLN B 124 9.93 -0.40 -33.00
C GLN B 124 10.44 0.36 -34.21
N LEU B 125 11.42 -0.21 -34.92
CA LEU B 125 12.00 0.48 -36.07
C LEU B 125 11.00 0.58 -37.21
N THR B 126 10.19 -0.47 -37.41
CA THR B 126 9.19 -0.48 -38.47
C THR B 126 7.94 0.34 -38.12
N SER B 127 8.05 1.27 -37.17
CA SER B 127 6.93 2.14 -36.81
C SER B 127 7.29 3.62 -36.79
N GLY B 128 8.55 3.98 -37.07
CA GLY B 128 8.96 5.36 -37.22
C GLY B 128 9.96 5.84 -36.18
N GLY B 129 10.06 5.16 -35.03
CA GLY B 129 10.90 5.61 -33.94
C GLY B 129 12.02 4.63 -33.62
N ALA B 130 12.92 5.07 -32.74
CA ALA B 130 14.06 4.27 -32.31
C ALA B 130 14.49 4.73 -30.93
N SER B 131 14.58 3.78 -30.00
CA SER B 131 14.97 4.08 -28.61
C SER B 131 16.12 3.16 -28.23
N VAL B 132 17.25 3.76 -27.85
CA VAL B 132 18.40 3.03 -27.34
C VAL B 132 18.33 3.07 -25.82
N VAL B 133 18.27 1.90 -25.19
CA VAL B 133 18.04 1.76 -23.76
C VAL B 133 19.33 1.31 -23.09
N CYS B 134 19.67 1.94 -21.98
CA CYS B 134 20.85 1.61 -21.18
C CYS B 134 20.42 1.35 -19.75
N PHE B 135 20.78 0.18 -19.23
CA PHE B 135 20.45 -0.22 -17.86
C PHE B 135 21.70 -0.13 -16.99
N LEU B 136 21.57 0.54 -15.86
CA LEU B 136 22.64 0.66 -14.87
C LEU B 136 22.09 0.06 -13.57
N ASN B 137 22.49 -1.17 -13.26
CA ASN B 137 21.77 -1.99 -12.30
C ASN B 137 22.62 -2.34 -11.08
N ASN B 138 21.97 -2.33 -9.92
CA ASN B 138 22.50 -2.91 -8.69
C ASN B 138 23.82 -2.25 -8.26
N PHE B 139 23.81 -0.93 -8.23
CA PHE B 139 24.95 -0.16 -7.75
C PHE B 139 24.62 0.48 -6.41
N TYR B 140 25.67 0.89 -5.70
CA TYR B 140 25.54 1.58 -4.43
C TYR B 140 26.82 2.35 -4.19
N PRO B 141 26.76 3.61 -3.72
CA PRO B 141 25.56 4.35 -3.33
C PRO B 141 24.73 4.90 -4.50
N LYS B 142 23.68 5.65 -4.13
CA LYS B 142 22.65 6.03 -5.10
C LYS B 142 23.19 6.95 -6.19
N ASP B 143 24.24 7.71 -5.89
CA ASP B 143 24.69 8.74 -6.81
C ASP B 143 25.36 8.12 -8.03
N ILE B 144 24.88 8.52 -9.21
CA ILE B 144 25.38 7.98 -10.48
C ILE B 144 25.08 9.01 -11.56
N ASN B 145 25.85 8.99 -12.63
CA ASN B 145 25.62 9.87 -13.77
C ASN B 145 25.91 9.15 -15.07
N VAL B 146 24.99 9.28 -16.02
CA VAL B 146 25.09 8.64 -17.32
C VAL B 146 25.43 9.69 -18.37
N LYS B 147 26.23 9.28 -19.36
CA LYS B 147 26.57 10.14 -20.50
C LYS B 147 26.35 9.36 -21.77
N TRP B 148 25.64 9.96 -22.72
CA TRP B 148 25.39 9.34 -24.01
C TRP B 148 26.35 9.91 -25.06
N LYS B 149 26.91 9.03 -25.88
CA LYS B 149 27.82 9.41 -26.94
C LYS B 149 27.35 8.78 -28.25
N ILE B 150 27.28 9.58 -29.30
CA ILE B 150 26.97 9.10 -30.65
C ILE B 150 28.12 9.51 -31.55
N ASP B 151 28.78 8.52 -32.16
CA ASP B 151 29.94 8.75 -33.02
C ASP B 151 31.02 9.54 -32.29
N GLY B 152 31.19 9.25 -31.00
CA GLY B 152 32.21 9.87 -30.19
C GLY B 152 31.83 11.19 -29.56
N SER B 153 30.81 11.87 -30.07
CA SER B 153 30.41 13.19 -29.58
C SER B 153 29.19 13.06 -28.67
N GLU B 154 29.26 13.69 -27.51
CA GLU B 154 28.24 13.52 -26.48
C GLU B 154 26.90 14.11 -26.90
N ARG B 155 25.81 13.47 -26.45
CA ARG B 155 24.46 13.82 -26.84
C ARG B 155 23.59 14.03 -25.60
N GLN B 156 22.75 15.06 -25.63
CA GLN B 156 21.87 15.39 -24.52
C GLN B 156 20.39 15.32 -24.87
N ASN B 157 20.01 15.68 -26.10
CA ASN B 157 18.60 15.72 -26.46
C ASN B 157 18.04 14.31 -26.64
N GLY B 158 16.79 14.14 -26.24
CA GLY B 158 16.11 12.85 -26.38
C GLY B 158 16.41 11.84 -25.30
N VAL B 159 17.07 12.24 -24.22
CA VAL B 159 17.45 11.32 -23.15
C VAL B 159 16.48 11.48 -21.99
N LEU B 160 15.91 10.35 -21.55
CA LEU B 160 15.03 10.31 -20.39
C LEU B 160 15.55 9.28 -19.41
N ASN B 161 15.70 9.69 -18.16
CA ASN B 161 16.26 8.84 -17.12
C ASN B 161 15.20 8.49 -16.08
N SER B 162 15.35 7.30 -15.49
CA SER B 162 14.49 6.85 -14.41
C SER B 162 15.34 6.12 -13.38
N TRP B 163 15.05 6.37 -12.11
CA TRP B 163 15.77 5.74 -11.00
C TRP B 163 14.79 4.96 -10.15
N THR B 164 15.22 3.78 -9.70
CA THR B 164 14.44 2.99 -8.75
C THR B 164 14.75 3.44 -7.33
N ASP B 165 13.78 3.25 -6.45
CA ASP B 165 14.05 3.37 -5.02
C ASP B 165 15.00 2.25 -4.61
N GLN B 166 15.45 2.29 -3.36
CA GLN B 166 16.36 1.26 -2.88
C GLN B 166 15.72 -0.11 -3.00
N ASP B 167 16.45 -1.04 -3.61
CA ASP B 167 15.92 -2.36 -3.91
C ASP B 167 15.74 -3.16 -2.62
N SER B 168 14.53 -3.69 -2.42
CA SER B 168 14.22 -4.46 -1.23
C SER B 168 14.77 -5.89 -1.29
N LYS B 169 15.56 -6.22 -2.31
CA LYS B 169 16.17 -7.54 -2.41
C LYS B 169 17.67 -7.52 -2.11
N ASP B 170 18.36 -6.41 -2.36
CA ASP B 170 19.80 -6.37 -2.09
C ASP B 170 20.29 -4.99 -1.65
N SER B 171 19.42 -4.03 -1.40
CA SER B 171 19.74 -2.68 -0.92
C SER B 171 20.47 -1.83 -1.94
N THR B 172 20.48 -2.22 -3.21
CA THR B 172 21.16 -1.45 -4.23
C THR B 172 20.17 -0.52 -4.93
N TYR B 173 20.69 0.24 -5.89
CA TYR B 173 19.87 1.11 -6.72
C TYR B 173 20.07 0.75 -8.19
N SER B 174 19.12 1.16 -9.01
CA SER B 174 19.17 0.88 -10.44
C SER B 174 18.64 2.09 -11.20
N MET B 175 19.13 2.26 -12.43
CA MET B 175 18.77 3.41 -13.24
C MET B 175 18.67 2.99 -14.70
N SER B 176 17.69 3.54 -15.40
CA SER B 176 17.54 3.35 -16.84
C SER B 176 17.67 4.69 -17.55
N SER B 177 18.42 4.70 -18.65
CA SER B 177 18.60 5.87 -19.49
C SER B 177 18.18 5.51 -20.90
N THR B 178 17.13 6.16 -21.39
CA THR B 178 16.55 5.84 -22.69
C THR B 178 16.71 7.04 -23.62
N LEU B 179 17.44 6.85 -24.71
CA LEU B 179 17.64 7.89 -25.72
C LEU B 179 16.73 7.60 -26.90
N THR B 180 15.77 8.48 -27.15
CA THR B 180 14.75 8.27 -28.17
C THR B 180 14.92 9.30 -29.28
N LEU B 181 15.06 8.82 -30.52
CA LEU B 181 15.19 9.69 -31.68
C LEU B 181 14.31 9.15 -32.80
N THR B 182 14.26 9.89 -33.91
CA THR B 182 13.54 9.38 -35.05
C THR B 182 14.32 8.23 -35.70
N LYS B 183 13.63 7.47 -36.55
CA LYS B 183 14.29 6.34 -37.19
C LYS B 183 15.39 6.79 -38.12
N ASP B 184 15.14 7.85 -38.89
CA ASP B 184 16.13 8.32 -39.86
C ASP B 184 17.37 8.87 -39.15
N GLU B 185 17.18 9.56 -38.03
CA GLU B 185 18.32 10.04 -37.25
C GLU B 185 19.09 8.88 -36.65
N TYR B 186 18.40 7.79 -36.27
CA TYR B 186 19.09 6.61 -35.79
C TYR B 186 19.95 6.00 -36.90
N GLU B 187 19.37 5.85 -38.10
CA GLU B 187 20.07 5.27 -39.23
C GLU B 187 21.06 6.25 -39.87
N ARG B 188 21.16 7.47 -39.36
CA ARG B 188 22.13 8.45 -39.83
C ARG B 188 23.38 8.52 -38.97
N HIS B 189 23.56 7.57 -38.04
CA HIS B 189 24.70 7.55 -37.16
C HIS B 189 25.18 6.11 -36.98
N ASN B 190 26.37 5.96 -36.40
CA ASN B 190 27.06 4.68 -36.35
C ASN B 190 27.14 4.14 -34.93
N SER B 191 27.99 4.72 -34.08
CA SER B 191 28.26 4.17 -32.75
C SER B 191 27.40 4.87 -31.71
N TYR B 192 26.78 4.08 -30.84
CA TYR B 192 26.00 4.58 -29.72
C TYR B 192 26.62 4.10 -28.42
N THR B 193 26.71 4.99 -27.44
CA THR B 193 27.47 4.74 -26.23
C THR B 193 26.79 5.38 -25.04
N CYS B 194 26.59 4.61 -23.98
CA CYS B 194 26.23 5.15 -22.68
C CYS B 194 27.39 4.92 -21.72
N GLU B 195 27.72 5.94 -20.93
CA GLU B 195 28.87 5.93 -20.05
C GLU B 195 28.40 6.15 -18.62
N ALA B 196 28.72 5.20 -17.73
CA ALA B 196 28.30 5.25 -16.34
C ALA B 196 29.46 5.72 -15.47
N THR B 197 29.28 6.85 -14.79
CA THR B 197 30.27 7.40 -13.88
C THR B 197 29.75 7.21 -12.46
N HIS B 198 30.43 6.38 -11.69
CA HIS B 198 29.98 6.02 -10.34
C HIS B 198 31.16 6.11 -9.38
N LYS B 199 30.82 6.22 -8.09
CA LYS B 199 31.84 6.36 -7.06
C LYS B 199 32.81 5.19 -7.04
N THR B 200 32.38 4.02 -7.52
CA THR B 200 33.16 2.79 -7.40
C THR B 200 34.33 2.70 -8.38
N SER B 201 34.49 3.67 -9.28
CA SER B 201 35.58 3.58 -10.25
C SER B 201 35.90 4.97 -10.78
N THR B 202 37.20 5.21 -11.04
CA THR B 202 37.63 6.46 -11.63
C THR B 202 37.33 6.49 -13.13
N SER B 203 37.67 5.42 -13.83
CA SER B 203 37.36 5.31 -15.25
C SER B 203 35.88 4.95 -15.42
N PRO B 204 35.19 5.59 -16.36
CA PRO B 204 33.76 5.31 -16.54
C PRO B 204 33.54 3.93 -17.14
N ILE B 205 32.58 3.21 -16.59
CA ILE B 205 32.12 1.95 -17.18
C ILE B 205 31.23 2.31 -18.37
N VAL B 206 31.67 1.92 -19.57
CA VAL B 206 30.95 2.27 -20.79
C VAL B 206 30.63 1.02 -21.58
N LYS B 207 29.53 1.08 -22.32
CA LYS B 207 29.12 0.05 -23.25
C LYS B 207 28.69 0.71 -24.54
N SER B 208 29.10 0.12 -25.67
CA SER B 208 28.81 0.71 -26.97
C SER B 208 28.34 -0.37 -27.92
N PHE B 209 27.73 0.07 -29.02
CA PHE B 209 27.38 -0.82 -30.11
C PHE B 209 27.39 -0.01 -31.41
N ASN B 210 27.95 -0.60 -32.45
CA ASN B 210 27.87 -0.04 -33.80
C ASN B 210 26.61 -0.58 -34.47
N ARG B 211 25.86 0.31 -35.12
CA ARG B 211 24.73 -0.15 -35.93
C ARG B 211 25.22 -1.05 -37.05
N ASN B 212 26.44 -0.84 -37.53
CA ASN B 212 27.09 -1.73 -38.47
C ASN B 212 28.13 -2.57 -37.74
N TRP C 1 -38.05 -22.54 38.65
CA TRP C 1 -37.70 -21.12 38.57
C TRP C 1 -36.44 -20.92 37.74
N ARG C 2 -36.52 -21.29 36.46
CA ARG C 2 -35.42 -21.08 35.52
C ARG C 2 -35.60 -19.82 34.70
N CYS C 3 -36.50 -18.93 35.10
CA CYS C 3 -36.62 -17.63 34.46
C CYS C 3 -35.53 -16.67 34.90
N ALA C 4 -34.76 -17.02 35.92
CA ALA C 4 -33.48 -16.36 36.14
C ALA C 4 -32.56 -16.57 34.95
N GLY C 5 -32.60 -17.76 34.36
CA GLY C 5 -31.90 -17.97 33.10
C GLY C 5 -32.48 -17.13 31.98
N ALA C 6 -33.79 -16.92 31.99
CA ALA C 6 -34.39 -16.02 31.01
C ALA C 6 -33.98 -14.58 31.25
N ALA C 7 -33.84 -14.18 32.52
CA ALA C 7 -33.33 -12.85 32.82
C ALA C 7 -31.88 -12.71 32.38
N THR C 8 -31.06 -13.74 32.59
CA THR C 8 -29.67 -13.71 32.16
C THR C 8 -29.57 -13.57 30.65
N VAL C 9 -30.45 -14.24 29.92
CA VAL C 9 -30.42 -14.17 28.45
C VAL C 9 -30.78 -12.75 28.00
N LEU C 10 -31.78 -12.14 28.63
CA LEU C 10 -32.14 -10.77 28.29
C LEU C 10 -30.99 -9.81 28.55
N LEU C 11 -30.29 -9.99 29.67
CA LEU C 11 -29.15 -9.13 29.99
C LEU C 11 -28.06 -9.25 28.94
N VAL C 12 -27.71 -10.48 28.55
CA VAL C 12 -26.69 -10.68 27.53
C VAL C 12 -27.11 -10.04 26.22
N ILE C 13 -28.39 -10.14 25.87
CA ILE C 13 -28.90 -9.51 24.66
C ILE C 13 -28.77 -7.99 24.78
N VAL C 14 -29.13 -7.44 25.95
CA VAL C 14 -29.01 -6.00 26.16
C VAL C 14 -27.54 -5.57 26.05
N LEU C 15 -26.64 -6.35 26.64
CA LEU C 15 -25.22 -6.02 26.58
C LEU C 15 -24.70 -6.04 25.14
N LEU C 16 -25.09 -7.06 24.36
CA LEU C 16 -24.60 -7.19 23.00
C LEU C 16 -25.19 -6.10 22.10
N ALA C 17 -26.51 -5.88 22.19
CA ALA C 17 -27.14 -4.84 21.39
C ALA C 17 -26.64 -3.47 21.78
N GLY C 18 -26.39 -3.26 23.08
CA GLY C 18 -25.81 -1.99 23.51
C GLY C 18 -24.43 -1.75 22.92
N SER C 19 -23.60 -2.79 22.88
CA SER C 19 -22.26 -2.63 22.32
C SER C 19 -22.32 -2.31 20.83
N TYR C 20 -23.19 -3.01 20.10
CA TYR C 20 -23.31 -2.78 18.66
C TYR C 20 -23.84 -1.38 18.38
N LEU C 21 -24.91 -0.98 19.08
CA LEU C 21 -25.53 0.30 18.79
C LEU C 21 -24.71 1.48 19.29
N ALA C 22 -23.93 1.29 20.36
CA ALA C 22 -23.11 2.38 20.87
C ALA C 22 -22.01 2.76 19.88
N VAL C 23 -21.27 1.76 19.38
CA VAL C 23 -20.28 2.02 18.34
C VAL C 23 -20.92 2.68 17.13
N LEU C 24 -22.12 2.22 16.76
CA LEU C 24 -22.82 2.78 15.62
C LEU C 24 -23.18 4.25 15.86
N ALA C 25 -23.54 4.60 17.09
CA ALA C 25 -23.93 5.97 17.38
C ALA C 25 -22.73 6.88 17.61
N GLU C 26 -21.63 6.36 18.14
CA GLU C 26 -20.51 7.18 18.57
C GLU C 26 -19.49 7.45 17.47
N ARG C 27 -19.31 6.54 16.53
CA ARG C 27 -18.44 6.81 15.40
C ARG C 27 -19.00 7.97 14.57
N GLY C 28 -18.11 8.86 14.16
CA GLY C 28 -18.51 10.09 13.49
C GLY C 28 -18.51 11.31 14.38
N ALA C 29 -18.29 11.15 15.68
CA ALA C 29 -18.18 12.27 16.61
C ALA C 29 -16.73 12.43 17.03
N PRO C 30 -16.06 13.50 16.63
CA PRO C 30 -14.64 13.66 16.99
C PRO C 30 -14.45 13.67 18.50
N GLY C 31 -13.48 12.88 18.96
CA GLY C 31 -13.19 12.73 20.36
C GLY C 31 -13.84 11.54 21.04
N ALA C 32 -14.77 10.86 20.37
CA ALA C 32 -15.47 9.74 20.98
C ALA C 32 -14.54 8.55 21.16
N GLN C 33 -14.64 7.90 22.33
CA GLN C 33 -13.83 6.72 22.63
C GLN C 33 -14.63 5.42 22.63
N LEU C 34 -15.95 5.50 22.59
CA LEU C 34 -16.82 4.31 22.61
C LEU C 34 -17.07 3.82 21.18
N ILE C 35 -16.00 3.40 20.52
CA ILE C 35 -15.99 3.24 19.07
C ILE C 35 -15.47 1.90 18.58
N THR C 36 -15.15 0.97 19.48
CA THR C 36 -14.81 -0.38 19.08
C THR C 36 -15.58 -1.37 19.95
N TYR C 37 -16.00 -2.49 19.34
CA TYR C 37 -16.95 -3.38 20.00
C TYR C 37 -16.44 -4.02 21.28
N PRO C 38 -15.21 -4.53 21.38
CA PRO C 38 -14.80 -5.17 22.64
C PRO C 38 -14.89 -4.27 23.86
N ARG C 39 -14.40 -3.03 23.77
CA ARG C 39 -14.51 -2.14 24.93
C ARG C 39 -15.91 -1.57 25.08
N ALA C 40 -16.70 -1.53 24.00
CA ALA C 40 -18.09 -1.13 24.14
C ALA C 40 -18.88 -2.15 24.95
N LEU C 41 -18.55 -3.44 24.79
CA LEU C 41 -19.18 -4.47 25.61
C LEU C 41 -18.80 -4.32 27.07
N TRP C 42 -17.52 -4.00 27.34
CA TRP C 42 -17.10 -3.70 28.70
C TRP C 42 -17.84 -2.48 29.25
N TRP C 43 -18.08 -1.48 28.41
CA TRP C 43 -18.85 -0.32 28.85
C TRP C 43 -20.30 -0.69 29.16
N SER C 44 -20.88 -1.61 28.38
CA SER C 44 -22.24 -2.05 28.65
C SER C 44 -22.35 -2.73 30.00
N VAL C 45 -21.37 -3.58 30.33
CA VAL C 45 -21.36 -4.23 31.64
C VAL C 45 -21.26 -3.20 32.74
N GLU C 46 -20.35 -2.22 32.59
CA GLU C 46 -20.21 -1.16 33.58
C GLU C 46 -21.52 -0.44 33.84
N THR C 47 -22.35 -0.27 32.81
CA THR C 47 -23.59 0.48 32.93
C THR C 47 -24.72 -0.37 33.46
N ALA C 48 -24.85 -1.61 32.98
CA ALA C 48 -25.90 -2.50 33.46
C ALA C 48 -25.72 -2.79 34.95
N THR C 49 -24.48 -2.89 35.42
CA THR C 49 -24.21 -3.07 36.83
C THR C 49 -24.21 -1.76 37.60
N ALA C 50 -24.37 -0.63 36.91
CA ALA C 50 -24.39 0.71 37.52
C ALA C 50 -23.09 1.04 38.23
N VAL C 51 -22.00 0.33 37.93
CA VAL C 51 -20.71 0.67 38.54
C VAL C 51 -20.19 2.00 38.00
N GLY C 52 -20.07 2.09 36.68
CA GLY C 52 -19.78 3.35 36.01
C GLY C 52 -18.45 3.98 36.34
N TYR C 53 -17.35 3.25 36.11
CA TYR C 53 -16.01 3.78 36.38
C TYR C 53 -15.78 5.12 35.70
N GLY C 54 -16.31 5.29 34.50
CA GLY C 54 -16.09 6.50 33.74
C GLY C 54 -14.90 6.47 32.81
N ASP C 55 -14.27 5.30 32.63
CA ASP C 55 -13.23 5.19 31.61
C ASP C 55 -13.82 5.27 30.21
N LEU C 56 -15.11 4.98 30.04
CA LEU C 56 -15.79 5.04 28.76
C LEU C 56 -17.22 5.49 28.98
N TYR C 57 -17.73 6.29 28.04
CA TYR C 57 -19.09 6.80 28.09
C TYR C 57 -19.42 7.40 26.74
N PRO C 58 -20.71 7.49 26.39
CA PRO C 58 -21.08 8.12 25.12
C PRO C 58 -21.09 9.64 25.22
N VAL C 59 -20.78 10.28 24.09
CA VAL C 59 -20.80 11.73 23.99
C VAL C 59 -21.81 12.25 22.99
N THR C 60 -22.43 11.38 22.19
CA THR C 60 -23.46 11.79 21.24
C THR C 60 -24.85 11.58 21.84
N LEU C 61 -25.84 12.20 21.19
CA LEU C 61 -27.21 12.07 21.67
C LEU C 61 -27.72 10.65 21.52
N TRP C 62 -27.47 10.01 20.37
CA TRP C 62 -27.95 8.65 20.17
C TRP C 62 -27.17 7.65 20.99
N GLY C 63 -25.88 7.88 21.20
CA GLY C 63 -25.14 7.06 22.14
C GLY C 63 -25.70 7.16 23.54
N ARG C 64 -26.16 8.35 23.93
CA ARG C 64 -26.74 8.54 25.25
C ARG C 64 -28.14 7.95 25.33
N CYS C 65 -28.89 7.95 24.23
CA CYS C 65 -30.15 7.21 24.20
C CYS C 65 -29.92 5.71 24.29
N VAL C 66 -28.91 5.22 23.56
CA VAL C 66 -28.53 3.81 23.69
C VAL C 66 -28.17 3.49 25.13
N ALA C 67 -27.45 4.40 25.80
CA ALA C 67 -27.08 4.20 27.20
C ALA C 67 -28.32 4.15 28.10
N VAL C 68 -29.31 4.99 27.83
CA VAL C 68 -30.52 4.99 28.65
C VAL C 68 -31.23 3.64 28.55
N VAL C 69 -31.29 3.07 27.35
CA VAL C 69 -31.89 1.75 27.19
C VAL C 69 -31.10 0.70 27.95
N VAL C 70 -29.77 0.76 27.86
CA VAL C 70 -28.93 -0.19 28.58
C VAL C 70 -29.09 0.00 30.09
N MET C 71 -29.32 1.23 30.54
CA MET C 71 -29.59 1.44 31.96
C MET C 71 -30.92 0.81 32.36
N VAL C 72 -31.99 1.13 31.64
CA VAL C 72 -33.33 0.69 32.02
C VAL C 72 -33.43 -0.84 31.93
N ALA C 73 -33.11 -1.39 30.77
CA ALA C 73 -33.24 -2.83 30.59
C ALA C 73 -32.14 -3.60 31.29
N GLY C 74 -30.92 -3.05 31.28
CA GLY C 74 -29.77 -3.73 31.86
C GLY C 74 -29.74 -3.75 33.38
N ILE C 75 -30.08 -2.63 34.01
CA ILE C 75 -30.11 -2.61 35.48
C ILE C 75 -31.28 -3.46 35.99
N THR C 76 -32.40 -3.47 35.25
CA THR C 76 -33.53 -4.32 35.64
C THR C 76 -33.16 -5.79 35.54
N SER C 77 -32.68 -6.23 34.38
CA SER C 77 -32.36 -7.63 34.19
C SER C 77 -31.21 -8.06 35.11
N PHE C 78 -30.20 -7.21 35.28
CA PHE C 78 -29.13 -7.54 36.22
C PHE C 78 -29.66 -7.61 37.66
N GLY C 79 -30.66 -6.80 37.98
CA GLY C 79 -31.29 -6.90 39.29
C GLY C 79 -32.03 -8.21 39.49
N LEU C 80 -32.63 -8.75 38.42
CA LEU C 80 -33.27 -10.05 38.53
C LEU C 80 -32.26 -11.17 38.71
N VAL C 81 -31.06 -11.03 38.14
CA VAL C 81 -30.06 -12.07 38.24
C VAL C 81 -29.48 -12.12 39.66
N THR C 82 -29.15 -10.97 40.23
CA THR C 82 -28.59 -10.94 41.57
C THR C 82 -29.64 -11.28 42.62
N ALA C 83 -30.90 -10.92 42.39
CA ALA C 83 -31.96 -11.32 43.30
C ALA C 83 -32.08 -12.84 43.35
N ALA C 84 -32.05 -13.49 42.18
CA ALA C 84 -32.08 -14.95 42.14
C ALA C 84 -30.90 -15.55 42.89
N LEU C 85 -29.71 -14.99 42.67
CA LEU C 85 -28.52 -15.50 43.37
C LEU C 85 -28.65 -15.30 44.87
N ALA C 86 -29.23 -14.17 45.29
CA ALA C 86 -29.37 -13.92 46.73
C ALA C 86 -30.38 -14.88 47.35
N THR C 87 -31.51 -15.11 46.69
CA THR C 87 -32.49 -16.07 47.21
C THR C 87 -31.90 -17.47 47.27
N TRP C 88 -31.14 -17.87 46.25
CA TRP C 88 -30.49 -19.17 46.29
C TRP C 88 -29.53 -19.27 47.47
N PHE C 89 -28.77 -18.21 47.73
CA PHE C 89 -27.85 -18.23 48.87
C PHE C 89 -28.61 -18.27 50.18
N VAL C 90 -29.76 -17.59 50.26
CA VAL C 90 -30.58 -17.68 51.45
C VAL C 90 -31.13 -19.09 51.61
N GLY C 91 -31.31 -19.82 50.49
CA GLY C 91 -31.73 -21.20 50.58
C GLY C 91 -30.68 -22.08 51.23
N GLN C 92 -29.41 -21.86 50.88
CA GLN C 92 -28.33 -22.63 51.51
C GLN C 92 -28.19 -22.28 52.98
N CYS C 93 -28.50 -21.03 53.36
CA CYS C 93 -28.54 -20.67 54.77
C CYS C 93 -29.48 -21.58 55.55
N GLN C 94 -30.61 -21.94 54.95
CA GLN C 94 -31.60 -22.77 55.63
C GLN C 94 -31.07 -24.18 55.87
N GLN C 95 -30.31 -24.73 54.91
CA GLN C 95 -29.72 -26.04 55.08
C GLN C 95 -28.82 -26.08 56.31
N GLN C 96 -28.17 -24.96 56.63
CA GLN C 96 -27.34 -24.83 57.84
C GLN C 96 -26.20 -25.83 57.85
#